data_4CCA
#
_entry.id   4CCA
#
_cell.length_a   67.550
_cell.length_b   67.550
_cell.length_c   284.651
_cell.angle_alpha   90.00
_cell.angle_beta   90.00
_cell.angle_gamma   90.00
#
_symmetry.space_group_name_H-M   'P 41 21 2'
#
loop_
_entity.id
_entity.type
_entity.pdbx_description
1 polymer 'SYNTAXIN-BINDING PROTEIN 2'
2 non-polymer 'CHLORIDE ION'
3 water water
#
_entity_poly.entity_id   1
_entity_poly.type   'polypeptide(L)'
_entity_poly.pdbx_seq_one_letter_code
;GSPEFMAPSGLKAVVGEKILSGVIRSVKKDGEWKVLIMDHPSMRILSSCCKMSDILAEGITIVEDINKRREPIPSLEAIY
LLSPTEKSVQALIKDFQGTPTFTYKAAHIFFTDTCPEPLFSELGRSRLAKVVKTLKEIHLAFLPYEAQVFSLDAPHSTYN
LYCPFRAEERTRQLEVLAQQIATLCATLQEYPAIRYRKGPEDTAQLAHAVLAKLNAFKADTPSLGEGPEKTRSQLLIMDR
AADPVSPLLHELTFQAMAYDLLDIEQDTYRYETTGLSEAREKAVLLDEDDDLWVELRHMHIADVSKKVTELLRTFCESKR
LTTDKANIKDLSQILKKMPQYQKELNKYSTHLHLADDCMKHFKGSVEKLCSVEQDLAMGSDAEGEKIKDSMKLIVPVLLD
AAVPAYDKIRVLLLYILLRNGVSEENLAKLIQHANVQAHSSLIRNLEQLGGTVTNPGGSGTSSRLEPRERMEPTYQLSRW
TPVIKDVMEDAVEDRLDRNLWPFVSDPAPTASSQAAVSARFGHWHKNKAGIEARAGPRLIVYVMGGVAMSEMRAAYEVTR
ATEGKWEVLIGSSHILTPTRFLDDLKALDKKLEDIALP
;
_entity_poly.pdbx_strand_id   A
#
# COMPACT_ATOMS: atom_id res chain seq x y z
N GLY A 10 -3.42 14.65 -6.02
CA GLY A 10 -2.81 13.40 -6.45
C GLY A 10 -3.83 12.31 -6.69
N LEU A 11 -3.54 11.11 -6.21
CA LEU A 11 -4.46 9.97 -6.37
C LEU A 11 -5.74 10.14 -5.56
N LYS A 12 -5.67 10.87 -4.46
CA LYS A 12 -6.86 11.11 -3.66
C LYS A 12 -7.75 12.16 -4.31
N ALA A 13 -7.13 13.11 -5.03
CA ALA A 13 -7.90 14.10 -5.76
C ALA A 13 -8.62 13.45 -6.93
N VAL A 14 -7.92 12.58 -7.65
CA VAL A 14 -8.49 11.91 -8.82
C VAL A 14 -9.65 11.01 -8.42
N VAL A 15 -9.38 10.12 -7.47
CA VAL A 15 -10.38 9.18 -6.98
C VAL A 15 -11.57 9.92 -6.39
N GLY A 16 -11.28 11.01 -5.67
CA GLY A 16 -12.33 11.82 -5.07
C GLY A 16 -13.22 12.45 -6.12
N GLU A 17 -12.63 12.90 -7.21
CA GLU A 17 -13.39 13.54 -8.28
C GLU A 17 -14.28 12.53 -8.99
N LYS A 18 -13.73 11.33 -9.24
CA LYS A 18 -14.47 10.28 -9.92
C LYS A 18 -15.72 9.89 -9.15
N ILE A 19 -15.65 10.04 -7.83
CA ILE A 19 -16.77 9.69 -6.96
C ILE A 19 -17.76 10.84 -6.82
N LEU A 20 -17.29 11.96 -6.27
CA LEU A 20 -18.15 13.12 -6.01
C LEU A 20 -18.90 13.56 -7.27
N SER A 21 -18.20 13.67 -8.39
CA SER A 21 -18.78 14.19 -9.62
C SER A 21 -19.48 13.12 -10.45
N GLY A 22 -19.03 11.87 -10.34
CA GLY A 22 -19.51 10.79 -11.19
C GLY A 22 -20.61 9.97 -10.55
N VAL A 23 -20.76 10.08 -9.24
CA VAL A 23 -21.74 9.28 -8.51
C VAL A 23 -22.74 10.12 -7.73
N ILE A 24 -22.26 11.13 -7.01
CA ILE A 24 -23.10 11.87 -6.08
C ILE A 24 -23.71 13.08 -6.78
N ARG A 25 -22.92 13.74 -7.63
CA ARG A 25 -23.36 14.96 -8.30
C ARG A 25 -24.26 14.61 -9.49
N SER A 26 -24.03 13.44 -10.07
CA SER A 26 -24.78 13.02 -11.26
C SER A 26 -26.22 12.64 -10.93
N VAL A 27 -26.53 12.52 -9.65
CA VAL A 27 -27.87 12.11 -9.23
C VAL A 27 -28.56 13.18 -8.37
N LYS A 28 -27.81 14.19 -7.96
CA LYS A 28 -28.31 15.22 -7.06
C LYS A 28 -29.58 15.89 -7.58
N LYS A 29 -30.53 16.10 -6.67
CA LYS A 29 -31.73 16.88 -6.97
C LYS A 29 -31.88 17.96 -5.90
N ASP A 30 -31.62 19.21 -6.27
CA ASP A 30 -31.60 20.32 -5.32
C ASP A 30 -32.71 20.24 -4.27
N GLY A 31 -33.91 19.88 -4.69
CA GLY A 31 -35.05 19.82 -3.78
C GLY A 31 -35.01 18.58 -2.90
N GLU A 32 -34.54 17.47 -3.45
CA GLU A 32 -34.51 16.19 -2.74
C GLU A 32 -33.15 15.88 -2.13
N TRP A 33 -33.14 14.94 -1.19
CA TRP A 33 -31.92 14.44 -0.59
C TRP A 33 -31.96 12.92 -0.55
N LYS A 34 -30.81 12.29 -0.39
CA LYS A 34 -30.70 10.84 -0.55
C LYS A 34 -29.85 10.13 0.50
N VAL A 35 -30.21 8.88 0.78
CA VAL A 35 -29.42 8.00 1.62
C VAL A 35 -28.37 7.32 0.76
N LEU A 36 -27.15 7.21 1.28
CA LEU A 36 -26.10 6.48 0.59
C LEU A 36 -25.74 5.23 1.36
N ILE A 37 -25.93 4.08 0.72
CA ILE A 37 -25.73 2.80 1.36
C ILE A 37 -24.54 2.11 0.69
N MET A 38 -23.80 1.32 1.45
CA MET A 38 -22.54 0.76 0.96
C MET A 38 -22.13 -0.56 1.60
N ASP A 39 -21.29 -1.31 0.90
CA ASP A 39 -20.64 -2.47 1.49
C ASP A 39 -19.23 -2.08 1.88
N HIS A 40 -18.54 -2.95 2.59
CA HIS A 40 -17.27 -2.61 3.21
C HIS A 40 -16.19 -2.16 2.21
N PRO A 41 -15.96 -2.94 1.15
CA PRO A 41 -14.91 -2.48 0.23
C PRO A 41 -15.20 -1.10 -0.35
N SER A 42 -16.47 -0.84 -0.67
CA SER A 42 -16.85 0.41 -1.32
C SER A 42 -16.63 1.63 -0.42
N MET A 43 -16.90 1.49 0.87
CA MET A 43 -16.81 2.65 1.76
C MET A 43 -15.39 2.86 2.29
N ARG A 44 -14.53 1.87 2.12
CA ARG A 44 -13.12 2.05 2.45
C ARG A 44 -12.46 2.93 1.38
N ILE A 45 -12.94 2.81 0.15
CA ILE A 45 -12.42 3.61 -0.95
C ILE A 45 -12.73 5.10 -0.76
N LEU A 46 -14.00 5.45 -0.69
CA LEU A 46 -14.37 6.86 -0.61
C LEU A 46 -13.88 7.49 0.69
N SER A 47 -13.88 6.72 1.77
CA SER A 47 -13.42 7.20 3.07
C SER A 47 -11.96 7.60 3.03
N SER A 48 -11.20 6.99 2.13
CA SER A 48 -9.77 7.21 2.04
C SER A 48 -9.39 8.48 1.27
N CYS A 49 -10.35 9.12 0.60
CA CYS A 49 -10.05 10.32 -0.18
C CYS A 49 -10.94 11.52 0.18
N CYS A 50 -12.26 11.37 0.08
CA CYS A 50 -13.17 12.50 0.26
C CYS A 50 -13.74 12.56 1.68
N LYS A 51 -13.81 13.77 2.23
CA LYS A 51 -14.24 13.98 3.60
C LYS A 51 -15.76 14.21 3.69
N MET A 52 -16.29 14.03 4.89
CA MET A 52 -17.74 14.08 5.11
C MET A 52 -18.34 15.42 4.68
N SER A 53 -17.59 16.50 4.85
CA SER A 53 -18.06 17.82 4.50
C SER A 53 -18.37 17.94 3.01
N ASP A 54 -17.53 17.31 2.19
CA ASP A 54 -17.75 17.32 0.74
C ASP A 54 -18.90 16.39 0.36
N ILE A 55 -19.09 15.33 1.13
CA ILE A 55 -20.17 14.38 0.87
C ILE A 55 -21.53 15.02 1.14
N LEU A 56 -21.60 15.83 2.18
CA LEU A 56 -22.85 16.49 2.55
C LEU A 56 -23.21 17.54 1.51
N ALA A 57 -22.20 18.21 0.97
CA ALA A 57 -22.40 19.31 0.04
C ALA A 57 -23.02 18.86 -1.29
N GLU A 58 -23.04 17.55 -1.53
CA GLU A 58 -23.55 17.03 -2.80
C GLU A 58 -24.98 16.50 -2.68
N GLY A 59 -25.57 16.61 -1.50
CA GLY A 59 -26.97 16.27 -1.32
C GLY A 59 -27.23 14.92 -0.68
N ILE A 60 -26.46 14.59 0.36
CA ILE A 60 -26.66 13.35 1.10
C ILE A 60 -26.99 13.64 2.56
N THR A 61 -28.07 13.03 3.04
CA THR A 61 -28.53 13.27 4.42
C THR A 61 -27.86 12.34 5.42
N ILE A 62 -27.66 11.08 5.05
CA ILE A 62 -26.96 10.14 5.94
C ILE A 62 -26.30 9.01 5.15
N VAL A 63 -25.18 8.52 5.67
CA VAL A 63 -24.48 7.38 5.08
C VAL A 63 -24.72 6.12 5.93
N GLU A 64 -24.87 4.98 5.27
CA GLU A 64 -25.21 3.74 5.95
C GLU A 64 -24.33 2.59 5.46
N ASP A 65 -24.56 1.40 6.02
CA ASP A 65 -23.82 0.21 5.62
C ASP A 65 -24.80 -0.93 5.37
N ILE A 66 -24.86 -1.42 4.13
CA ILE A 66 -25.83 -2.43 3.74
C ILE A 66 -25.85 -3.66 4.65
N ASN A 67 -24.69 -4.04 5.16
CA ASN A 67 -24.59 -5.28 5.95
C ASN A 67 -25.34 -5.20 7.27
N LYS A 68 -25.58 -4.00 7.77
CA LYS A 68 -26.32 -3.80 9.01
C LYS A 68 -27.79 -3.53 8.72
N ARG A 69 -28.65 -3.95 9.65
CA ARG A 69 -30.09 -3.73 9.53
C ARG A 69 -30.39 -2.24 9.56
N ARG A 70 -31.39 -1.81 8.79
CA ARG A 70 -31.69 -0.39 8.65
C ARG A 70 -33.19 -0.11 8.69
N GLU A 71 -33.54 1.16 8.84
CA GLU A 71 -34.93 1.59 8.96
C GLU A 71 -35.49 2.00 7.60
N PRO A 72 -36.76 1.68 7.32
CA PRO A 72 -37.40 2.14 6.07
C PRO A 72 -37.56 3.64 5.98
N ILE A 73 -37.13 4.24 4.86
CA ILE A 73 -37.36 5.66 4.63
C ILE A 73 -37.79 5.91 3.18
N PRO A 74 -39.07 5.67 2.88
CA PRO A 74 -39.61 5.91 1.53
C PRO A 74 -39.39 7.33 1.03
N SER A 75 -39.52 8.31 1.92
CA SER A 75 -39.37 9.71 1.54
C SER A 75 -38.04 9.96 0.82
N LEU A 76 -36.99 9.32 1.31
CA LEU A 76 -35.66 9.49 0.72
C LEU A 76 -35.39 8.44 -0.35
N GLU A 77 -34.91 8.90 -1.50
CA GLU A 77 -34.36 7.99 -2.50
C GLU A 77 -33.07 7.42 -1.91
N ALA A 78 -32.62 6.29 -2.43
CA ALA A 78 -31.43 5.63 -1.87
C ALA A 78 -30.39 5.23 -2.90
N ILE A 79 -29.22 5.86 -2.84
CA ILE A 79 -28.08 5.46 -3.65
C ILE A 79 -27.43 4.21 -3.06
N TYR A 80 -26.91 3.34 -3.92
CA TYR A 80 -26.10 2.22 -3.49
C TYR A 80 -24.77 2.28 -4.24
N LEU A 81 -23.66 2.12 -3.51
CA LEU A 81 -22.35 2.01 -4.15
C LEU A 81 -21.67 0.73 -3.67
N LEU A 82 -21.70 -0.31 -4.51
CA LEU A 82 -21.33 -1.65 -4.10
C LEU A 82 -20.31 -2.30 -5.02
N SER A 83 -19.52 -3.22 -4.48
CA SER A 83 -18.78 -4.15 -5.29
C SER A 83 -19.76 -5.22 -5.76
N PRO A 84 -19.69 -5.60 -7.04
CA PRO A 84 -20.65 -6.55 -7.61
C PRO A 84 -20.38 -7.98 -7.18
N THR A 85 -20.51 -8.26 -5.88
CA THR A 85 -20.32 -9.60 -5.36
C THR A 85 -21.68 -10.17 -4.97
N GLU A 86 -21.81 -11.48 -5.02
CA GLU A 86 -23.08 -12.14 -4.75
C GLU A 86 -23.64 -11.76 -3.37
N LYS A 87 -22.77 -11.30 -2.48
CA LYS A 87 -23.22 -10.87 -1.15
C LYS A 87 -23.93 -9.53 -1.21
N SER A 88 -23.31 -8.56 -1.86
CA SER A 88 -23.85 -7.20 -1.94
C SER A 88 -25.15 -7.17 -2.74
N VAL A 89 -25.18 -7.92 -3.84
CA VAL A 89 -26.35 -7.94 -4.71
C VAL A 89 -27.51 -8.66 -4.03
N GLN A 90 -27.24 -9.84 -3.48
CA GLN A 90 -28.28 -10.60 -2.80
C GLN A 90 -28.82 -9.82 -1.60
N ALA A 91 -27.98 -8.96 -1.03
CA ALA A 91 -28.38 -8.12 0.09
C ALA A 91 -29.20 -6.93 -0.38
N LEU A 92 -28.89 -6.45 -1.58
CA LEU A 92 -29.62 -5.35 -2.20
C LEU A 92 -31.02 -5.79 -2.65
N ILE A 93 -31.08 -6.88 -3.40
CA ILE A 93 -32.36 -7.48 -3.78
C ILE A 93 -33.27 -7.61 -2.57
N LYS A 94 -32.68 -7.92 -1.43
CA LYS A 94 -33.43 -8.18 -0.20
C LYS A 94 -34.14 -6.94 0.34
N ASP A 95 -33.57 -5.76 0.10
CA ASP A 95 -34.16 -4.51 0.59
C ASP A 95 -35.58 -4.27 0.07
N PHE A 96 -35.94 -4.92 -1.03
CA PHE A 96 -37.25 -4.68 -1.64
C PHE A 96 -38.00 -5.98 -1.91
N GLN A 97 -37.58 -7.05 -1.26
CA GLN A 97 -38.16 -8.36 -1.51
C GLN A 97 -37.76 -9.34 -0.40
N PHE A 102 -41.12 -2.56 1.44
CA PHE A 102 -40.21 -1.65 0.76
C PHE A 102 -39.46 -0.78 1.76
N THR A 103 -38.19 -1.08 1.97
CA THR A 103 -37.36 -0.30 2.90
C THR A 103 -36.99 1.05 2.29
N TYR A 104 -37.29 1.24 1.01
CA TYR A 104 -37.11 2.53 0.35
C TYR A 104 -38.11 2.69 -0.78
N LYS A 105 -38.18 3.91 -1.33
CA LYS A 105 -39.13 4.21 -2.39
C LYS A 105 -38.55 3.94 -3.77
N ALA A 106 -37.26 4.17 -3.92
CA ALA A 106 -36.56 3.93 -5.18
C ALA A 106 -35.05 4.03 -4.94
N ALA A 107 -34.25 3.61 -5.91
CA ALA A 107 -32.81 3.52 -5.70
C ALA A 107 -31.94 3.61 -6.94
N HIS A 108 -30.79 4.25 -6.76
CA HIS A 108 -29.81 4.45 -7.83
C HIS A 108 -28.57 3.60 -7.54
N ILE A 109 -28.31 2.61 -8.39
CA ILE A 109 -27.23 1.66 -8.13
C ILE A 109 -25.96 1.97 -8.92
N PHE A 110 -24.83 1.76 -8.26
CA PHE A 110 -23.53 1.98 -8.89
C PHE A 110 -22.58 0.85 -8.49
N PHE A 111 -22.23 0.00 -9.44
CA PHE A 111 -21.27 -1.07 -9.16
C PHE A 111 -19.85 -0.58 -9.42
N THR A 112 -18.91 -0.97 -8.56
CA THR A 112 -17.53 -0.51 -8.68
C THR A 112 -16.78 -1.29 -9.75
N ASP A 113 -17.45 -2.27 -10.35
CA ASP A 113 -16.87 -3.07 -11.42
C ASP A 113 -18.01 -3.67 -12.24
N THR A 114 -17.67 -4.43 -13.28
CA THR A 114 -18.68 -5.02 -14.15
C THR A 114 -19.53 -6.04 -13.40
N CYS A 115 -20.84 -5.96 -13.57
CA CYS A 115 -21.74 -6.93 -12.97
C CYS A 115 -21.89 -8.14 -13.90
N PRO A 116 -21.54 -9.33 -13.41
CA PRO A 116 -21.60 -10.55 -14.22
C PRO A 116 -23.04 -10.98 -14.55
N GLU A 117 -23.23 -11.49 -15.77
CA GLU A 117 -24.54 -11.90 -16.25
C GLU A 117 -25.42 -12.52 -15.16
N PRO A 118 -24.94 -13.60 -14.53
CA PRO A 118 -25.77 -14.29 -13.53
C PRO A 118 -26.37 -13.37 -12.47
N LEU A 119 -25.58 -12.43 -11.95
CA LEU A 119 -26.06 -11.55 -10.90
C LEU A 119 -27.07 -10.53 -11.42
N PHE A 120 -26.90 -10.11 -12.66
CA PHE A 120 -27.82 -9.17 -13.28
C PHE A 120 -29.13 -9.84 -13.67
N SER A 121 -29.09 -11.15 -13.89
CA SER A 121 -30.27 -11.90 -14.31
C SER A 121 -31.27 -12.08 -13.15
N GLU A 122 -30.79 -12.59 -12.03
CA GLU A 122 -31.63 -12.76 -10.84
C GLU A 122 -32.16 -11.43 -10.35
N LEU A 123 -31.46 -10.35 -10.69
CA LEU A 123 -31.87 -9.01 -10.29
C LEU A 123 -33.05 -8.52 -11.13
N GLY A 124 -33.14 -8.99 -12.38
CA GLY A 124 -34.25 -8.66 -13.26
C GLY A 124 -35.52 -9.42 -12.92
N ARG A 125 -35.38 -10.54 -12.20
CA ARG A 125 -36.52 -11.33 -11.79
C ARG A 125 -36.99 -10.92 -10.38
N SER A 126 -36.41 -9.86 -9.85
CA SER A 126 -36.73 -9.39 -8.51
C SER A 126 -37.80 -8.31 -8.50
N ARG A 127 -38.30 -8.00 -7.30
CA ARG A 127 -39.28 -6.93 -7.13
C ARG A 127 -38.59 -5.57 -7.11
N LEU A 128 -37.34 -5.56 -6.66
CA LEU A 128 -36.51 -4.36 -6.70
C LEU A 128 -36.58 -3.73 -8.09
N ALA A 129 -36.32 -4.54 -9.11
CA ALA A 129 -36.32 -4.07 -10.50
C ALA A 129 -37.41 -3.03 -10.76
N LYS A 130 -38.59 -3.24 -10.21
CA LYS A 130 -39.73 -2.36 -10.43
C LYS A 130 -39.39 -0.90 -10.10
N VAL A 131 -38.70 -0.69 -8.98
CA VAL A 131 -38.39 0.66 -8.50
C VAL A 131 -36.94 1.09 -8.70
N VAL A 132 -36.24 0.43 -9.62
CA VAL A 132 -34.87 0.82 -9.96
C VAL A 132 -34.88 2.04 -10.89
N LYS A 133 -34.29 3.14 -10.41
CA LYS A 133 -34.30 4.40 -11.17
C LYS A 133 -33.02 4.60 -11.99
N THR A 134 -31.90 4.09 -11.48
CA THR A 134 -30.62 4.27 -12.15
C THR A 134 -29.79 3.00 -11.98
N LEU A 135 -28.84 2.78 -12.88
CA LEU A 135 -28.01 1.58 -12.84
C LEU A 135 -26.79 1.72 -13.73
N LYS A 136 -25.65 2.07 -13.12
CA LYS A 136 -24.40 2.28 -13.86
C LYS A 136 -23.27 1.48 -13.24
N GLU A 137 -22.07 1.62 -13.79
CA GLU A 137 -20.88 1.01 -13.20
C GLU A 137 -19.65 1.87 -13.45
N ILE A 138 -19.00 2.31 -12.38
CA ILE A 138 -17.94 3.33 -12.47
C ILE A 138 -16.56 2.76 -12.77
N HIS A 139 -16.35 1.48 -12.51
CA HIS A 139 -15.04 0.87 -12.70
C HIS A 139 -13.99 1.60 -11.87
N LEU A 140 -14.01 1.34 -10.57
CA LEU A 140 -13.08 1.99 -9.66
C LEU A 140 -12.80 1.08 -8.46
N ALA A 141 -11.73 0.30 -8.56
CA ALA A 141 -11.43 -0.71 -7.55
C ALA A 141 -10.00 -0.59 -7.02
N PHE A 142 -9.71 0.50 -6.31
CA PHE A 142 -8.45 0.62 -5.60
C PHE A 142 -8.48 1.78 -4.59
N LEU A 143 -7.82 1.58 -3.45
CA LEU A 143 -7.68 2.63 -2.45
C LEU A 143 -6.52 3.57 -2.78
N PRO A 144 -6.77 4.88 -2.77
CA PRO A 144 -5.68 5.85 -2.84
C PRO A 144 -5.09 6.12 -1.45
N TYR A 145 -4.10 5.33 -1.05
CA TYR A 145 -3.53 5.43 0.29
C TYR A 145 -2.76 6.74 0.50
N GLU A 146 -1.89 7.06 -0.46
CA GLU A 146 -1.18 8.34 -0.48
C GLU A 146 -1.35 8.99 -1.85
N ALA A 147 -0.71 10.15 -2.03
CA ALA A 147 -0.76 10.87 -3.29
C ALA A 147 -0.21 10.02 -4.43
N GLN A 148 0.62 9.05 -4.10
CA GLN A 148 1.34 8.29 -5.12
C GLN A 148 1.44 6.81 -4.78
N VAL A 149 0.65 6.36 -3.81
CA VAL A 149 0.64 4.95 -3.46
C VAL A 149 -0.80 4.44 -3.48
N PHE A 150 -1.01 3.32 -4.16
CA PHE A 150 -2.34 2.72 -4.22
C PHE A 150 -2.34 1.37 -3.50
N SER A 151 -3.54 0.89 -3.18
CA SER A 151 -3.71 -0.43 -2.59
C SER A 151 -4.95 -1.04 -3.22
N LEU A 152 -4.96 -2.36 -3.35
CA LEU A 152 -6.10 -3.04 -3.95
C LEU A 152 -7.01 -3.61 -2.87
N ASP A 153 -6.65 -3.40 -1.61
CA ASP A 153 -7.51 -3.78 -0.49
C ASP A 153 -7.76 -5.28 -0.44
N ALA A 154 -6.73 -6.06 -0.78
CA ALA A 154 -6.85 -7.51 -0.79
C ALA A 154 -5.75 -8.16 0.04
N PRO A 155 -5.73 -7.90 1.36
CA PRO A 155 -4.69 -8.46 2.23
C PRO A 155 -4.69 -9.99 2.23
N HIS A 156 -5.81 -10.56 1.80
CA HIS A 156 -5.95 -12.00 1.64
C HIS A 156 -5.25 -12.53 0.39
N SER A 157 -4.60 -11.63 -0.36
CA SER A 157 -4.04 -11.98 -1.66
C SER A 157 -2.84 -12.91 -1.56
N THR A 158 -1.91 -12.60 -0.66
CA THR A 158 -0.73 -13.44 -0.48
C THR A 158 -1.14 -14.86 -0.13
N TYR A 159 -2.09 -14.98 0.78
CA TYR A 159 -2.56 -16.27 1.24
C TYR A 159 -3.19 -17.08 0.11
N ASN A 160 -3.95 -16.41 -0.74
CA ASN A 160 -4.62 -17.09 -1.85
C ASN A 160 -3.67 -17.46 -2.99
N LEU A 161 -2.57 -16.74 -3.12
CA LEU A 161 -1.62 -17.01 -4.19
C LEU A 161 -0.57 -18.06 -3.82
N TYR A 162 -0.22 -18.14 -2.54
CA TYR A 162 0.95 -18.92 -2.14
C TYR A 162 0.68 -20.04 -1.13
N CYS A 163 -0.50 -20.09 -0.54
CA CYS A 163 -0.82 -21.18 0.38
C CYS A 163 -1.36 -22.36 -0.41
N PRO A 164 -0.90 -23.58 -0.09
CA PRO A 164 -1.37 -24.79 -0.78
C PRO A 164 -2.85 -25.11 -0.52
N PHE A 165 -3.40 -24.65 0.60
CA PHE A 165 -4.82 -24.85 0.88
C PHE A 165 -5.70 -23.99 -0.02
N ARG A 166 -5.08 -23.11 -0.81
CA ARG A 166 -5.81 -22.26 -1.74
C ARG A 166 -5.23 -22.35 -3.13
N ALA A 167 -4.70 -23.52 -3.47
CA ALA A 167 -4.14 -23.74 -4.80
C ALA A 167 -5.19 -23.54 -5.89
N GLU A 168 -6.44 -23.87 -5.57
CA GLU A 168 -7.52 -23.81 -6.55
C GLU A 168 -8.04 -22.40 -6.78
N GLU A 169 -7.65 -21.48 -5.90
CA GLU A 169 -8.09 -20.09 -5.99
C GLU A 169 -6.95 -19.19 -6.47
N ARG A 170 -5.77 -19.77 -6.69
CA ARG A 170 -4.61 -19.01 -7.14
C ARG A 170 -4.88 -18.28 -8.45
N THR A 171 -5.35 -19.01 -9.45
CA THR A 171 -5.60 -18.42 -10.76
C THR A 171 -6.68 -17.35 -10.68
N ARG A 172 -7.74 -17.61 -9.92
CA ARG A 172 -8.80 -16.62 -9.77
C ARG A 172 -8.26 -15.35 -9.13
N GLN A 173 -7.29 -15.50 -8.22
CA GLN A 173 -6.73 -14.34 -7.52
C GLN A 173 -5.86 -13.51 -8.45
N LEU A 174 -5.26 -14.15 -9.44
CA LEU A 174 -4.49 -13.42 -10.44
C LEU A 174 -5.42 -12.68 -11.39
N GLU A 175 -6.55 -13.30 -11.73
CA GLU A 175 -7.52 -12.67 -12.61
C GLU A 175 -8.17 -11.46 -11.95
N VAL A 176 -8.49 -11.58 -10.67
CA VAL A 176 -9.10 -10.48 -9.92
C VAL A 176 -8.13 -9.30 -9.89
N LEU A 177 -6.92 -9.56 -9.39
CA LEU A 177 -5.90 -8.52 -9.30
C LEU A 177 -5.63 -7.91 -10.66
N ALA A 178 -5.65 -8.74 -11.70
CA ALA A 178 -5.36 -8.28 -13.04
C ALA A 178 -6.40 -7.25 -13.46
N GLN A 179 -7.66 -7.52 -13.11
CA GLN A 179 -8.73 -6.59 -13.44
C GLN A 179 -8.55 -5.29 -12.65
N GLN A 180 -8.31 -5.41 -11.36
CA GLN A 180 -8.15 -4.24 -10.51
C GLN A 180 -7.04 -3.33 -11.03
N ILE A 181 -5.98 -3.93 -11.56
CA ILE A 181 -4.83 -3.18 -12.06
C ILE A 181 -5.13 -2.58 -13.44
N ALA A 182 -6.03 -3.20 -14.19
CA ALA A 182 -6.46 -2.66 -15.47
C ALA A 182 -7.38 -1.45 -15.29
N THR A 183 -8.19 -1.45 -14.23
CA THR A 183 -9.07 -0.32 -13.95
C THR A 183 -8.30 0.84 -13.33
N LEU A 184 -7.09 0.57 -12.84
CA LEU A 184 -6.25 1.64 -12.34
C LEU A 184 -5.70 2.45 -13.50
N CYS A 185 -5.21 1.76 -14.51
CA CYS A 185 -4.69 2.42 -15.71
C CYS A 185 -5.79 3.23 -16.37
N ALA A 186 -6.94 2.59 -16.60
CA ALA A 186 -8.07 3.25 -17.24
C ALA A 186 -8.48 4.52 -16.49
N THR A 187 -8.41 4.48 -15.17
CA THR A 187 -8.76 5.64 -14.36
C THR A 187 -7.77 6.79 -14.61
N LEU A 188 -6.49 6.44 -14.77
CA LEU A 188 -5.45 7.43 -14.98
C LEU A 188 -5.26 7.80 -16.45
N GLN A 189 -6.16 7.31 -17.30
CA GLN A 189 -6.08 7.58 -18.73
C GLN A 189 -4.74 7.10 -19.28
N GLU A 190 -4.42 5.84 -19.03
CA GLU A 190 -3.14 5.26 -19.46
C GLU A 190 -3.33 3.99 -20.26
N TYR A 191 -2.42 3.76 -21.22
CA TYR A 191 -2.31 2.47 -21.88
C TYR A 191 -0.83 2.13 -21.94
N PRO A 192 -0.23 1.79 -20.78
CA PRO A 192 1.22 1.71 -20.70
C PRO A 192 1.79 0.38 -21.16
N ALA A 193 3.06 0.38 -21.53
CA ALA A 193 3.79 -0.83 -21.83
C ALA A 193 3.88 -1.68 -20.56
N ILE A 194 3.50 -2.95 -20.65
CA ILE A 194 3.50 -3.80 -19.47
C ILE A 194 4.77 -4.65 -19.41
N ARG A 195 5.41 -4.67 -18.24
CA ARG A 195 6.65 -5.40 -18.05
C ARG A 195 6.58 -6.19 -16.74
N TYR A 196 7.49 -7.14 -16.57
CA TYR A 196 7.44 -8.04 -15.42
C TYR A 196 8.78 -8.73 -15.23
N ARG A 197 9.10 -9.11 -13.99
CA ARG A 197 10.37 -9.80 -13.73
C ARG A 197 10.31 -11.22 -14.27
N LYS A 198 11.29 -11.57 -15.09
CA LYS A 198 11.20 -12.78 -15.92
CA LYS A 198 11.41 -12.90 -15.69
C LYS A 198 10.90 -14.13 -15.18
C LYS A 198 11.88 -13.84 -14.62
N GLY A 199 11.86 -14.64 -14.41
N GLY A 199 11.58 -15.11 -14.82
CA GLY A 199 11.82 -16.01 -13.87
CA GLY A 199 11.86 -16.10 -13.82
C GLY A 199 10.53 -16.59 -13.29
N PRO A 200 10.01 -15.96 -12.22
CA PRO A 200 8.78 -16.45 -11.59
C PRO A 200 7.58 -16.62 -12.54
N GLU A 201 6.81 -17.68 -12.32
CA GLU A 201 5.63 -17.96 -13.14
C GLU A 201 4.53 -16.93 -12.90
N ASP A 202 4.43 -16.46 -11.66
CA ASP A 202 3.35 -15.56 -11.25
C ASP A 202 3.39 -14.21 -11.96
N THR A 203 4.57 -13.63 -12.02
CA THR A 203 4.74 -12.28 -12.55
C THR A 203 4.38 -12.24 -14.02
N ALA A 204 4.79 -13.27 -14.76
CA ALA A 204 4.47 -13.36 -16.17
C ALA A 204 2.97 -13.54 -16.38
N GLN A 205 2.37 -14.42 -15.59
CA GLN A 205 0.94 -14.71 -15.72
C GLN A 205 0.10 -13.48 -15.39
N LEU A 206 0.53 -12.70 -14.41
CA LEU A 206 -0.20 -11.51 -14.01
C LEU A 206 -0.07 -10.45 -15.09
N ALA A 207 1.10 -10.36 -15.69
CA ALA A 207 1.37 -9.36 -16.71
C ALA A 207 0.52 -9.59 -17.96
N HIS A 208 0.36 -10.85 -18.37
CA HIS A 208 -0.44 -11.16 -19.53
C HIS A 208 -1.93 -11.00 -19.24
N ALA A 209 -2.32 -11.28 -17.99
CA ALA A 209 -3.70 -11.11 -17.57
C ALA A 209 -4.07 -9.62 -17.62
N VAL A 210 -3.17 -8.77 -17.15
CA VAL A 210 -3.41 -7.34 -17.11
C VAL A 210 -3.57 -6.78 -18.52
N LEU A 211 -2.77 -7.28 -19.46
CA LEU A 211 -2.85 -6.80 -20.83
C LEU A 211 -4.19 -7.16 -21.45
N ALA A 212 -4.66 -8.38 -21.20
CA ALA A 212 -5.90 -8.87 -21.78
C ALA A 212 -7.10 -8.07 -21.27
N LYS A 213 -7.02 -7.64 -20.01
CA LYS A 213 -8.12 -6.90 -19.39
C LYS A 213 -7.97 -5.41 -19.61
N LEU A 214 -6.77 -4.99 -20.00
CA LEU A 214 -6.54 -3.60 -20.36
C LEU A 214 -6.94 -3.38 -21.81
N ASN A 215 -6.75 -4.39 -22.64
CA ASN A 215 -7.10 -4.30 -24.05
C ASN A 215 -8.61 -4.18 -24.21
N ALA A 216 -9.35 -4.55 -23.17
CA ALA A 216 -10.79 -4.39 -23.15
C ALA A 216 -11.15 -2.91 -23.11
N PHE A 217 -10.49 -2.16 -22.23
CA PHE A 217 -10.76 -0.73 -22.08
C PHE A 217 -10.21 0.06 -23.27
N LYS A 218 -9.15 -0.44 -23.87
CA LYS A 218 -8.57 0.20 -25.04
C LYS A 218 -9.51 0.07 -26.24
N ALA A 219 -10.15 -1.10 -26.35
CA ALA A 219 -11.06 -1.36 -27.46
C ALA A 219 -12.30 -0.47 -27.39
N ASP A 220 -12.79 -0.23 -26.18
CA ASP A 220 -13.96 0.63 -25.99
C ASP A 220 -13.62 2.11 -26.16
N THR A 221 -12.37 2.46 -25.83
CA THR A 221 -11.90 3.83 -25.98
C THR A 221 -10.50 3.85 -26.57
N PRO A 222 -10.40 3.72 -27.91
CA PRO A 222 -9.12 3.65 -28.63
C PRO A 222 -8.21 4.87 -28.42
N SER A 223 -8.74 5.93 -27.84
CA SER A 223 -7.96 7.14 -27.60
C SER A 223 -7.20 7.08 -26.27
N LEU A 224 -7.18 5.91 -25.63
CA LEU A 224 -6.54 5.77 -24.32
C LEU A 224 -5.03 5.65 -24.46
N GLY A 225 -4.32 6.52 -23.75
CA GLY A 225 -2.86 6.49 -23.72
C GLY A 225 -2.19 7.10 -24.94
N GLU A 226 -2.96 7.72 -25.82
CA GLU A 226 -2.41 8.38 -26.98
C GLU A 226 -1.67 9.66 -26.60
N GLY A 227 -0.60 9.96 -27.31
CA GLY A 227 0.20 11.14 -27.04
C GLY A 227 1.68 10.81 -27.06
N PRO A 228 2.52 11.79 -27.39
CA PRO A 228 3.97 11.58 -27.47
C PRO A 228 4.58 11.28 -26.10
N GLU A 229 3.86 11.61 -25.03
CA GLU A 229 4.37 11.42 -23.68
C GLU A 229 3.77 10.21 -22.97
N LYS A 230 2.45 10.06 -23.07
CA LYS A 230 1.78 8.95 -22.40
C LYS A 230 2.07 7.61 -23.06
N THR A 231 2.52 7.65 -24.31
CA THR A 231 2.88 6.42 -25.03
C THR A 231 4.15 5.79 -24.45
N ARG A 232 4.89 6.56 -23.66
CA ARG A 232 6.13 6.08 -23.05
C ARG A 232 5.93 5.51 -21.64
N SER A 233 4.69 5.51 -21.16
CA SER A 233 4.40 5.05 -19.81
C SER A 233 4.55 3.54 -19.69
N GLN A 234 5.11 3.08 -18.57
CA GLN A 234 5.33 1.66 -18.35
C GLN A 234 4.75 1.18 -17.02
N LEU A 235 4.22 -0.03 -17.00
CA LEU A 235 3.76 -0.65 -15.77
C LEU A 235 4.64 -1.85 -15.48
N LEU A 236 5.39 -1.81 -14.37
CA LEU A 236 6.25 -2.92 -13.97
C LEU A 236 5.59 -3.82 -12.93
N ILE A 237 5.77 -5.14 -13.09
CA ILE A 237 5.26 -6.12 -12.14
C ILE A 237 6.41 -6.90 -11.51
N MET A 238 6.54 -6.81 -10.19
CA MET A 238 7.61 -7.49 -9.47
C MET A 238 7.04 -8.38 -8.37
N ASP A 239 7.71 -9.50 -8.10
CA ASP A 239 7.25 -10.37 -7.02
C ASP A 239 8.00 -10.08 -5.72
N ARG A 240 7.35 -10.38 -4.60
CA ARG A 240 7.92 -10.11 -3.28
C ARG A 240 9.29 -10.76 -3.11
N ALA A 241 9.45 -11.98 -3.65
CA ALA A 241 10.69 -12.74 -3.47
C ALA A 241 11.88 -12.16 -4.24
N ALA A 242 11.65 -11.13 -5.05
CA ALA A 242 12.73 -10.49 -5.78
C ALA A 242 13.53 -9.60 -4.84
N ASP A 243 12.91 -9.19 -3.74
CA ASP A 243 13.58 -8.40 -2.71
C ASP A 243 12.90 -8.64 -1.37
N PRO A 244 13.20 -9.79 -0.75
CA PRO A 244 12.64 -10.16 0.55
C PRO A 244 13.44 -9.56 1.70
N VAL A 245 14.47 -8.80 1.36
CA VAL A 245 15.27 -8.10 2.35
C VAL A 245 14.60 -6.82 2.83
N SER A 246 14.05 -6.06 1.89
CA SER A 246 13.52 -4.73 2.20
C SER A 246 12.40 -4.73 3.24
N PRO A 247 11.43 -5.66 3.13
CA PRO A 247 10.32 -5.66 4.07
C PRO A 247 10.74 -6.01 5.50
N LEU A 248 11.93 -6.58 5.67
CA LEU A 248 12.40 -7.00 6.99
C LEU A 248 13.17 -5.90 7.72
N LEU A 249 13.78 -5.00 6.97
CA LEU A 249 14.71 -4.04 7.56
C LEU A 249 14.06 -3.00 8.47
N HIS A 250 14.80 -2.62 9.52
CA HIS A 250 14.44 -1.48 10.34
C HIS A 250 14.85 -0.20 9.62
N GLU A 251 13.87 0.52 9.10
CA GLU A 251 14.12 1.78 8.41
C GLU A 251 14.12 2.91 9.41
N LEU A 252 14.90 3.95 9.14
CA LEU A 252 15.01 5.09 10.06
C LEU A 252 14.41 6.35 9.47
N THR A 253 13.64 6.20 8.39
CA THR A 253 12.88 7.31 7.85
C THR A 253 11.60 7.43 8.65
N PHE A 254 11.04 8.63 8.69
CA PHE A 254 10.01 8.95 9.67
C PHE A 254 8.83 7.98 9.62
N GLN A 255 8.32 7.70 8.43
CA GLN A 255 7.13 6.85 8.32
C GLN A 255 7.45 5.37 8.53
N ALA A 256 8.35 4.84 7.73
CA ALA A 256 8.72 3.43 7.83
C ALA A 256 9.11 3.09 9.27
N MET A 257 9.70 4.06 9.96
CA MET A 257 10.20 3.86 11.32
C MET A 257 9.08 3.93 12.35
N ALA A 258 8.15 4.84 12.13
CA ALA A 258 7.06 5.06 13.08
C ALA A 258 6.10 3.88 13.12
N TYR A 259 5.71 3.39 11.95
CA TYR A 259 4.73 2.30 11.87
C TYR A 259 5.32 0.98 12.34
N ASP A 260 6.65 0.86 12.24
CA ASP A 260 7.33 -0.38 12.62
C ASP A 260 7.55 -0.46 14.12
N LEU A 261 8.14 0.58 14.70
CA LEU A 261 8.48 0.60 16.11
C LEU A 261 7.26 0.84 17.00
N LEU A 262 6.41 1.77 16.58
CA LEU A 262 5.25 2.16 17.39
C LEU A 262 4.00 1.39 16.97
N ASP A 263 2.99 1.44 17.82
CA ASP A 263 1.71 0.77 17.55
C ASP A 263 0.76 1.75 16.87
N ILE A 264 0.60 1.60 15.57
CA ILE A 264 -0.22 2.51 14.77
C ILE A 264 -1.23 1.73 13.93
N GLU A 265 -2.49 1.77 14.37
CA GLU A 265 -3.56 1.01 13.72
C GLU A 265 -4.60 1.96 13.13
N GLN A 266 -5.17 1.60 11.99
CA GLN A 266 -6.02 2.50 11.22
C GLN A 266 -5.31 3.84 11.01
N ASP A 267 -3.99 3.76 10.91
CA ASP A 267 -3.14 4.92 10.64
C ASP A 267 -3.22 5.99 11.73
N THR A 268 -3.65 5.62 12.92
CA THR A 268 -3.87 6.58 14.00
C THR A 268 -2.82 6.46 15.09
N TYR A 269 -2.12 7.56 15.37
CA TYR A 269 -1.13 7.61 16.44
C TYR A 269 -1.73 8.17 17.73
N ARG A 270 -1.46 7.49 18.84
CA ARG A 270 -2.03 7.89 20.14
C ARG A 270 -0.96 8.09 21.20
N TYR A 271 -1.00 9.26 21.84
CA TYR A 271 -0.11 9.55 22.95
C TYR A 271 -0.77 10.56 23.89
N GLU A 272 -0.09 10.93 24.97
CA GLU A 272 -0.67 11.80 25.98
C GLU A 272 0.08 13.13 26.10
N THR A 273 -0.67 14.18 26.45
CA THR A 273 -0.12 15.53 26.56
C THR A 273 -0.23 16.07 27.99
N THR A 274 0.33 17.25 28.21
CA THR A 274 0.24 17.91 29.51
C THR A 274 -1.18 18.42 29.76
N ARG A 280 -5.12 15.85 26.66
CA ARG A 280 -4.62 14.84 27.58
C ARG A 280 -4.55 13.48 26.91
N GLU A 281 -5.55 13.18 26.09
CA GLU A 281 -5.58 11.92 25.34
C GLU A 281 -5.69 12.21 23.85
N LYS A 282 -4.56 12.47 23.22
CA LYS A 282 -4.54 12.87 21.82
C LYS A 282 -4.61 11.67 20.89
N ALA A 283 -5.40 11.79 19.83
CA ALA A 283 -5.53 10.75 18.83
C ALA A 283 -5.43 11.36 17.44
N VAL A 284 -4.22 11.40 16.90
CA VAL A 284 -3.94 12.03 15.62
C VAL A 284 -4.00 11.05 14.45
N LEU A 285 -4.49 11.52 13.32
CA LEU A 285 -4.57 10.70 12.11
C LEU A 285 -3.48 11.12 11.11
N LEU A 286 -2.54 10.22 10.87
CA LEU A 286 -1.41 10.50 9.99
C LEU A 286 -1.77 10.29 8.52
N ASP A 287 -2.63 11.16 7.99
CA ASP A 287 -3.01 11.09 6.59
C ASP A 287 -2.55 12.36 5.87
N GLU A 288 -3.15 12.67 4.73
CA GLU A 288 -2.62 13.73 3.86
C GLU A 288 -3.36 15.06 3.97
N ASP A 289 -4.08 15.25 5.07
CA ASP A 289 -4.60 16.57 5.40
C ASP A 289 -3.57 17.24 6.27
N ASP A 290 -2.87 16.43 7.06
CA ASP A 290 -1.77 16.87 7.89
C ASP A 290 -0.55 17.15 7.02
N ASP A 291 -0.42 18.39 6.56
CA ASP A 291 0.62 18.72 5.58
C ASP A 291 2.02 18.64 6.16
N LEU A 292 2.13 18.62 7.49
CA LEU A 292 3.42 18.46 8.13
C LEU A 292 3.88 17.00 8.00
N TRP A 293 2.92 16.09 8.06
CA TRP A 293 3.19 14.68 7.86
C TRP A 293 3.64 14.42 6.42
N VAL A 294 3.01 15.12 5.49
CA VAL A 294 3.35 14.98 4.08
C VAL A 294 4.78 15.42 3.83
N GLU A 295 5.25 16.37 4.64
CA GLU A 295 6.58 16.93 4.51
C GLU A 295 7.66 16.06 5.16
N LEU A 296 7.32 15.40 6.27
CA LEU A 296 8.32 14.71 7.08
C LEU A 296 8.38 13.19 6.85
N ARG A 297 7.28 12.62 6.36
CA ARG A 297 7.14 11.17 6.25
C ARG A 297 8.32 10.43 5.59
N HIS A 298 9.09 11.12 4.75
CA HIS A 298 10.17 10.45 3.99
C HIS A 298 11.57 10.86 4.43
N MET A 299 11.71 11.46 5.61
CA MET A 299 13.00 11.98 6.05
C MET A 299 13.64 11.10 7.12
N HIS A 300 14.96 10.95 7.06
CA HIS A 300 15.69 10.21 8.10
C HIS A 300 15.28 10.77 9.44
N ILE A 301 15.32 9.95 10.48
CA ILE A 301 14.89 10.37 11.81
C ILE A 301 15.76 11.51 12.35
N ALA A 302 16.91 11.73 11.73
CA ALA A 302 17.94 12.59 12.29
C ALA A 302 17.78 14.02 11.77
N ASP A 303 16.96 14.18 10.75
CA ASP A 303 16.71 15.48 10.17
C ASP A 303 15.30 15.96 10.51
N VAL A 304 14.56 15.17 11.28
CA VAL A 304 13.18 15.53 11.63
C VAL A 304 13.17 16.62 12.67
N SER A 305 13.82 16.38 13.80
CA SER A 305 13.86 17.33 14.90
C SER A 305 14.08 18.76 14.41
N LYS A 306 15.18 18.97 13.68
CA LYS A 306 15.52 20.30 13.21
C LYS A 306 14.44 20.88 12.31
N LYS A 307 14.02 20.10 11.32
CA LYS A 307 13.07 20.57 10.31
C LYS A 307 11.75 21.01 10.92
N VAL A 308 11.35 20.35 12.01
CA VAL A 308 10.12 20.72 12.71
C VAL A 308 10.29 22.09 13.33
N THR A 309 11.45 22.32 13.95
CA THR A 309 11.75 23.59 14.60
C THR A 309 12.02 24.68 13.57
N GLU A 310 12.47 24.29 12.38
CA GLU A 310 12.73 25.24 11.31
C GLU A 310 11.43 25.81 10.77
N LEU A 311 10.41 24.96 10.69
CA LEU A 311 9.10 25.39 10.21
C LEU A 311 8.33 26.11 11.31
N LEU A 312 8.66 25.82 12.56
CA LEU A 312 8.09 26.55 13.68
C LEU A 312 8.57 28.00 13.62
N ARG A 313 9.89 28.18 13.67
CA ARG A 313 10.49 29.51 13.67
C ARG A 313 9.91 30.40 12.57
N THR A 314 9.48 29.77 11.47
CA THR A 314 8.83 30.51 10.39
C THR A 314 7.44 30.94 10.81
N PHE A 315 6.57 29.97 11.09
CA PHE A 315 5.16 30.23 11.37
C PHE A 315 4.93 31.10 12.61
N CYS A 316 5.52 30.73 13.74
CA CYS A 316 5.32 31.48 14.97
C CYS A 316 5.80 32.94 14.84
N GLU A 317 7.04 33.12 14.41
CA GLU A 317 7.62 34.46 14.32
C GLU A 317 7.08 35.23 13.12
N SER A 318 6.56 34.50 12.13
CA SER A 318 5.98 35.13 10.94
C SER A 318 4.70 35.88 11.30
N LYS A 319 3.89 35.29 12.17
CA LYS A 319 2.66 35.92 12.63
C LYS A 319 3.01 37.05 13.59
N ARG A 320 4.03 36.83 14.40
CA ARG A 320 4.50 37.82 15.38
C ARG A 320 5.17 39.00 14.67
N ASP A 330 9.17 44.59 22.54
CA ASP A 330 7.89 44.48 23.24
C ASP A 330 7.05 43.37 22.62
N LEU A 331 6.67 42.39 23.42
CA LEU A 331 5.95 41.22 22.94
C LEU A 331 4.72 40.93 23.79
N SER A 332 4.14 42.00 24.34
CA SER A 332 2.98 41.89 25.21
C SER A 332 1.74 41.39 24.46
N GLN A 333 1.57 41.85 23.23
CA GLN A 333 0.38 41.52 22.47
C GLN A 333 0.43 40.08 21.96
N ILE A 334 1.65 39.59 21.70
CA ILE A 334 1.81 38.23 21.19
C ILE A 334 1.25 37.24 22.20
N LEU A 335 1.47 37.53 23.48
CA LEU A 335 0.97 36.69 24.55
C LEU A 335 -0.54 36.56 24.47
N LYS A 336 -1.22 37.67 24.21
CA LYS A 336 -2.67 37.71 24.15
C LYS A 336 -3.24 36.86 23.01
N LYS A 337 -2.49 36.77 21.92
CA LYS A 337 -2.94 36.02 20.75
C LYS A 337 -2.45 34.58 20.75
N MET A 338 -2.16 34.03 21.91
CA MET A 338 -1.66 32.65 22.00
C MET A 338 -2.75 31.61 21.79
N PRO A 339 -3.94 31.82 22.37
CA PRO A 339 -5.03 30.86 22.14
C PRO A 339 -5.33 30.66 20.66
N GLN A 340 -5.12 31.71 19.86
CA GLN A 340 -5.44 31.66 18.43
C GLN A 340 -4.44 30.79 17.67
N TYR A 341 -3.17 30.85 18.07
CA TYR A 341 -2.14 30.04 17.44
C TYR A 341 -2.16 28.62 17.98
N GLN A 342 -2.65 28.47 19.21
CA GLN A 342 -2.57 27.20 19.94
C GLN A 342 -2.98 25.98 19.11
N LYS A 343 -3.94 26.17 18.20
CA LYS A 343 -4.44 25.07 17.39
C LYS A 343 -3.49 24.73 16.25
N GLU A 344 -3.11 25.73 15.47
CA GLU A 344 -2.14 25.54 14.40
C GLU A 344 -0.77 25.25 15.00
N LEU A 345 -0.61 25.51 16.30
CA LEU A 345 0.66 25.32 16.98
C LEU A 345 0.76 23.94 17.63
N ASN A 346 -0.38 23.33 17.93
CA ASN A 346 -0.39 21.98 18.47
C ASN A 346 0.04 20.97 17.43
N LYS A 347 -0.29 21.24 16.17
CA LYS A 347 0.06 20.37 15.06
C LYS A 347 1.57 20.25 14.92
N TYR A 348 2.30 21.27 15.40
CA TYR A 348 3.75 21.22 15.42
C TYR A 348 4.25 20.32 16.54
N SER A 349 3.67 20.46 17.72
CA SER A 349 4.05 19.65 18.87
C SER A 349 3.73 18.19 18.61
N THR A 350 2.74 17.94 17.77
CA THR A 350 2.30 16.59 17.46
C THR A 350 3.45 15.74 16.91
N HIS A 351 4.13 16.26 15.90
CA HIS A 351 5.17 15.50 15.23
C HIS A 351 6.51 15.65 15.95
N LEU A 352 6.65 16.74 16.70
CA LEU A 352 7.85 16.93 17.51
C LEU A 352 7.89 15.81 18.52
N HIS A 353 6.73 15.40 19.00
CA HIS A 353 6.61 14.34 20.00
C HIS A 353 6.75 12.96 19.37
N LEU A 354 6.09 12.76 18.24
CA LEU A 354 6.14 11.48 17.53
C LEU A 354 7.59 11.12 17.17
N ALA A 355 8.38 12.12 16.87
CA ALA A 355 9.79 11.92 16.55
C ALA A 355 10.55 11.50 17.80
N ASP A 356 10.28 12.15 18.92
CA ASP A 356 10.91 11.78 20.18
C ASP A 356 10.57 10.33 20.51
N ASP A 357 9.32 9.95 20.23
CA ASP A 357 8.85 8.61 20.54
C ASP A 357 9.59 7.58 19.68
N CYS A 358 9.80 7.91 18.41
CA CYS A 358 10.57 7.05 17.53
C CYS A 358 11.98 6.85 18.10
N MET A 359 12.54 7.93 18.65
CA MET A 359 13.86 7.87 19.25
C MET A 359 13.90 7.10 20.58
N LYS A 360 12.78 7.11 21.32
CA LYS A 360 12.69 6.33 22.55
C LYS A 360 12.85 4.85 22.24
N HIS A 361 12.11 4.39 21.23
CA HIS A 361 12.07 2.98 20.88
C HIS A 361 13.36 2.56 20.18
N PHE A 362 14.03 3.53 19.58
CA PHE A 362 15.26 3.28 18.84
C PHE A 362 16.45 3.05 19.78
N LYS A 363 16.46 3.74 20.91
CA LYS A 363 17.54 3.60 21.88
C LYS A 363 17.52 2.21 22.50
N GLY A 364 18.70 1.62 22.64
CA GLY A 364 18.83 0.31 23.28
C GLY A 364 19.05 -0.81 22.30
N SER A 365 18.12 -1.76 22.29
CA SER A 365 18.25 -2.95 21.44
C SER A 365 18.24 -2.57 19.96
N VAL A 366 17.26 -1.78 19.57
CA VAL A 366 17.02 -1.49 18.16
C VAL A 366 18.27 -0.95 17.46
N GLU A 367 18.85 0.11 17.99
CA GLU A 367 20.06 0.67 17.39
C GLU A 367 21.14 -0.41 17.24
N LYS A 368 21.12 -1.37 18.15
CA LYS A 368 22.03 -2.52 18.07
C LYS A 368 21.65 -3.47 16.95
N LEU A 369 20.35 -3.66 16.74
CA LEU A 369 19.87 -4.52 15.66
C LEU A 369 20.24 -3.91 14.30
N CYS A 370 19.80 -2.68 14.07
CA CYS A 370 20.10 -1.97 12.83
C CYS A 370 21.53 -2.24 12.37
N SER A 371 22.49 -2.03 13.26
CA SER A 371 23.90 -2.26 12.93
C SER A 371 24.10 -3.64 12.31
N VAL A 372 23.58 -4.67 12.99
CA VAL A 372 23.75 -6.05 12.54
C VAL A 372 23.03 -6.30 11.22
N GLU A 373 21.88 -5.66 11.04
CA GLU A 373 21.10 -5.85 9.82
C GLU A 373 21.77 -5.24 8.60
N GLN A 374 22.24 -4.00 8.74
CA GLN A 374 22.86 -3.29 7.63
C GLN A 374 24.12 -4.00 7.18
N ASP A 375 24.83 -4.60 8.14
CA ASP A 375 26.03 -5.34 7.82
C ASP A 375 25.68 -6.59 7.03
N LEU A 376 24.54 -7.19 7.34
CA LEU A 376 24.11 -8.41 6.67
C LEU A 376 23.46 -8.13 5.31
N ALA A 377 22.85 -6.97 5.18
CA ALA A 377 22.15 -6.61 3.96
C ALA A 377 23.13 -6.14 2.90
N MET A 378 23.96 -5.18 3.26
CA MET A 378 24.96 -4.64 2.35
C MET A 378 26.04 -5.68 2.09
N GLY A 379 26.37 -6.47 3.10
CA GLY A 379 27.41 -7.48 2.98
C GLY A 379 28.77 -6.92 3.35
N SER A 380 28.77 -5.76 4.00
CA SER A 380 30.00 -5.07 4.37
C SER A 380 29.73 -4.15 5.54
N ASP A 381 30.67 -4.05 6.46
CA ASP A 381 30.56 -3.13 7.59
C ASP A 381 30.60 -1.68 7.09
N ALA A 382 30.49 -0.72 8.00
CA ALA A 382 30.41 0.69 7.63
C ALA A 382 31.63 1.17 6.85
N GLU A 383 32.82 0.70 7.22
CA GLU A 383 34.06 1.16 6.59
C GLU A 383 34.08 0.83 5.10
N GLY A 384 33.29 -0.16 4.71
CA GLY A 384 33.27 -0.63 3.34
C GLY A 384 33.91 -2.01 3.26
N GLU A 385 34.59 -2.40 4.34
CA GLU A 385 35.25 -3.69 4.40
C GLU A 385 34.23 -4.82 4.43
N LYS A 386 34.40 -5.79 3.55
CA LYS A 386 33.49 -6.93 3.46
C LYS A 386 33.39 -7.64 4.80
N ILE A 387 32.20 -8.15 5.12
CA ILE A 387 31.99 -8.88 6.36
C ILE A 387 32.69 -10.23 6.28
N LYS A 388 33.50 -10.51 7.30
CA LYS A 388 34.32 -11.72 7.31
C LYS A 388 33.53 -12.92 7.82
N ASP A 389 32.91 -12.75 8.99
CA ASP A 389 32.20 -13.84 9.64
C ASP A 389 30.77 -13.40 9.95
N SER A 390 29.85 -13.79 9.09
CA SER A 390 28.45 -13.38 9.22
C SER A 390 27.73 -14.10 10.35
N MET A 391 28.18 -15.31 10.66
CA MET A 391 27.62 -16.07 11.78
C MET A 391 27.93 -15.37 13.09
N LYS A 392 29.19 -15.03 13.28
CA LYS A 392 29.64 -14.36 14.50
C LYS A 392 28.83 -13.10 14.77
N LEU A 393 28.25 -12.55 13.72
CA LEU A 393 27.58 -11.26 13.79
C LEU A 393 26.20 -11.35 14.44
N ILE A 394 25.50 -12.45 14.20
CA ILE A 394 24.14 -12.64 14.73
C ILE A 394 24.10 -13.40 16.05
N VAL A 395 25.04 -14.30 16.25
CA VAL A 395 25.00 -15.19 17.40
C VAL A 395 24.72 -14.45 18.72
N PRO A 396 25.33 -13.26 18.91
CA PRO A 396 25.01 -12.54 20.14
C PRO A 396 23.53 -12.19 20.23
N VAL A 397 22.94 -11.71 19.13
CA VAL A 397 21.56 -11.25 19.13
C VAL A 397 20.59 -12.39 19.38
N LEU A 398 20.87 -13.55 18.80
CA LEU A 398 19.95 -14.68 18.86
C LEU A 398 19.90 -15.33 20.23
N LEU A 399 21.06 -15.42 20.90
CA LEU A 399 21.12 -16.05 22.21
C LEU A 399 20.79 -15.05 23.33
N ASP A 400 20.36 -13.85 22.95
CA ASP A 400 19.99 -12.83 23.91
C ASP A 400 18.51 -12.98 24.28
N ALA A 401 18.23 -13.14 25.57
CA ALA A 401 16.87 -13.39 26.04
C ALA A 401 16.02 -12.11 26.05
N ALA A 402 16.68 -10.97 26.01
CA ALA A 402 15.99 -9.68 26.07
C ALA A 402 15.54 -9.17 24.70
N VAL A 403 15.80 -9.94 23.64
CA VAL A 403 15.39 -9.52 22.30
C VAL A 403 14.16 -10.32 21.85
N PRO A 404 13.03 -9.64 21.62
CA PRO A 404 11.80 -10.37 21.30
C PRO A 404 11.92 -11.24 20.05
N ALA A 405 11.01 -12.19 19.90
CA ALA A 405 11.10 -13.20 18.85
C ALA A 405 11.15 -12.60 17.44
N TYR A 406 10.23 -11.70 17.13
CA TYR A 406 10.14 -11.15 15.79
C TYR A 406 11.41 -10.41 15.38
N ASP A 407 12.09 -9.80 16.35
CA ASP A 407 13.36 -9.14 16.10
C ASP A 407 14.48 -10.14 15.82
N LYS A 408 14.50 -11.23 16.59
CA LYS A 408 15.48 -12.28 16.37
C LYS A 408 15.27 -12.91 15.00
N ILE A 409 14.01 -13.01 14.59
CA ILE A 409 13.65 -13.65 13.34
C ILE A 409 14.02 -12.82 12.12
N ARG A 410 13.91 -11.50 12.24
CA ARG A 410 14.28 -10.63 11.14
C ARG A 410 15.78 -10.73 10.88
N VAL A 411 16.56 -10.79 11.96
CA VAL A 411 18.01 -10.94 11.84
C VAL A 411 18.38 -12.32 11.29
N LEU A 412 17.64 -13.34 11.72
CA LEU A 412 17.91 -14.70 11.27
C LEU A 412 17.55 -14.88 9.81
N LEU A 413 16.51 -14.20 9.35
CA LEU A 413 16.08 -14.30 7.96
C LEU A 413 17.03 -13.53 7.05
N LEU A 414 17.52 -12.40 7.54
CA LEU A 414 18.48 -11.63 6.78
C LEU A 414 19.76 -12.43 6.63
N TYR A 415 20.12 -13.19 7.65
CA TYR A 415 21.33 -14.02 7.58
C TYR A 415 21.17 -15.15 6.58
N ILE A 416 19.98 -15.76 6.57
CA ILE A 416 19.72 -16.86 5.65
C ILE A 416 19.68 -16.36 4.21
N LEU A 417 19.25 -15.11 4.01
CA LEU A 417 19.19 -14.54 2.67
C LEU A 417 20.56 -14.11 2.16
N LEU A 418 21.39 -13.61 3.06
CA LEU A 418 22.74 -13.24 2.70
C LEU A 418 23.53 -14.47 2.29
N ARG A 419 23.36 -15.55 3.07
CA ARG A 419 24.09 -16.79 2.81
C ARG A 419 23.51 -17.51 1.60
N ASN A 420 22.31 -17.12 1.20
CA ASN A 420 21.69 -17.69 0.02
C ASN A 420 21.30 -19.14 0.28
N GLY A 421 20.60 -19.35 1.38
CA GLY A 421 20.25 -20.68 1.83
C GLY A 421 21.14 -21.14 2.95
N VAL A 422 20.60 -22.02 3.79
CA VAL A 422 21.34 -22.57 4.92
C VAL A 422 20.95 -24.03 5.12
N SER A 423 21.91 -24.85 5.56
CA SER A 423 21.68 -26.28 5.72
C SER A 423 20.53 -26.55 6.69
N GLU A 424 19.81 -27.64 6.46
CA GLU A 424 18.70 -28.01 7.32
C GLU A 424 19.12 -28.09 8.78
N GLU A 425 20.24 -28.75 9.04
CA GLU A 425 20.71 -28.91 10.41
C GLU A 425 21.13 -27.59 11.02
N ASN A 426 21.74 -26.73 10.21
CA ASN A 426 22.16 -25.41 10.68
C ASN A 426 20.95 -24.54 10.99
N LEU A 427 19.85 -24.76 10.28
CA LEU A 427 18.62 -24.02 10.51
C LEU A 427 17.96 -24.46 11.81
N ALA A 428 18.07 -25.76 12.12
CA ALA A 428 17.50 -26.30 13.34
C ALA A 428 18.29 -25.81 14.55
N LYS A 429 19.62 -25.81 14.43
CA LYS A 429 20.48 -25.37 15.52
C LYS A 429 20.30 -23.90 15.82
N LEU A 430 20.00 -23.11 14.79
CA LEU A 430 19.80 -21.68 14.97
C LEU A 430 18.43 -21.41 15.59
N ILE A 431 17.42 -22.13 15.14
CA ILE A 431 16.08 -21.97 15.68
C ILE A 431 16.01 -22.41 17.15
N GLN A 432 16.79 -23.43 17.49
CA GLN A 432 16.82 -23.96 18.84
C GLN A 432 17.60 -23.03 19.76
N HIS A 433 18.84 -22.72 19.36
CA HIS A 433 19.73 -21.91 20.17
C HIS A 433 19.22 -20.47 20.27
N ALA A 434 18.35 -20.10 19.34
CA ALA A 434 17.80 -18.75 19.32
C ALA A 434 16.56 -18.64 20.20
N ASN A 435 15.97 -19.78 20.54
CA ASN A 435 14.81 -19.83 21.42
C ASN A 435 13.58 -19.25 20.74
N VAL A 436 13.31 -19.70 19.52
CA VAL A 436 12.14 -19.26 18.76
C VAL A 436 11.53 -20.45 18.03
N GLN A 437 11.39 -21.56 18.75
CA GLN A 437 10.96 -22.83 18.16
C GLN A 437 9.51 -22.78 17.67
N ALA A 438 8.68 -21.99 18.34
CA ALA A 438 7.25 -21.94 18.02
C ALA A 438 6.97 -21.22 16.71
N HIS A 439 7.98 -20.51 16.20
CA HIS A 439 7.85 -19.74 14.97
C HIS A 439 8.58 -20.41 13.81
N SER A 440 9.20 -21.55 14.09
CA SER A 440 9.82 -22.38 13.06
C SER A 440 8.98 -22.37 11.79
N SER A 441 7.67 -22.37 11.96
CA SER A 441 6.74 -22.42 10.84
C SER A 441 6.95 -21.25 9.88
N LEU A 442 6.85 -20.03 10.38
CA LEU A 442 6.90 -18.86 9.52
C LEU A 442 8.24 -18.73 8.83
N ILE A 443 9.31 -19.15 9.50
CA ILE A 443 10.65 -19.01 8.93
C ILE A 443 10.75 -19.80 7.63
N ARG A 444 10.28 -21.04 7.65
CA ARG A 444 10.36 -21.91 6.49
C ARG A 444 9.33 -21.53 5.43
N ASN A 445 8.29 -20.83 5.85
CA ASN A 445 7.24 -20.41 4.93
C ASN A 445 7.68 -19.37 3.91
N LEU A 446 8.90 -18.86 4.05
CA LEU A 446 9.41 -17.90 3.08
C LEU A 446 9.64 -18.58 1.73
N GLU A 447 9.74 -19.90 1.72
CA GLU A 447 9.92 -20.64 0.48
C GLU A 447 8.62 -20.72 -0.33
N GLN A 448 7.51 -20.31 0.29
CA GLN A 448 6.22 -20.31 -0.38
C GLN A 448 6.10 -19.13 -1.34
N LEU A 449 6.83 -18.05 -1.04
CA LEU A 449 6.85 -16.87 -1.91
C LEU A 449 7.86 -17.01 -3.02
N GLY A 450 8.76 -17.97 -2.91
CA GLY A 450 9.81 -18.18 -3.89
C GLY A 450 11.18 -17.90 -3.32
N GLY A 451 11.22 -17.37 -2.10
CA GLY A 451 12.48 -17.08 -1.46
C GLY A 451 13.25 -18.36 -1.19
N THR A 452 14.49 -18.22 -0.73
CA THR A 452 15.34 -19.38 -0.49
C THR A 452 15.71 -19.48 0.98
N VAL A 453 15.27 -20.56 1.62
CA VAL A 453 15.56 -20.76 3.04
C VAL A 453 16.55 -21.91 3.21
N THR A 454 16.18 -23.09 2.73
CA THR A 454 17.05 -24.26 2.83
C THR A 454 17.77 -24.53 1.52
N ASN A 455 19.09 -24.51 1.56
CA ASN A 455 19.92 -24.72 0.36
C ASN A 455 19.60 -23.73 -0.74
N SER A 462 18.22 -17.20 -4.10
CA SER A 462 18.83 -17.53 -5.39
C SER A 462 18.10 -16.85 -6.54
N SER A 463 16.82 -16.56 -6.34
CA SER A 463 16.04 -15.78 -7.30
C SER A 463 15.88 -14.35 -6.78
N ARG A 464 16.83 -13.92 -5.96
CA ARG A 464 16.78 -12.60 -5.35
C ARG A 464 17.66 -11.61 -6.11
N LEU A 465 17.11 -10.42 -6.36
CA LEU A 465 17.87 -9.34 -6.96
C LEU A 465 18.63 -8.56 -5.89
N GLU A 466 19.84 -8.13 -6.23
CA GLU A 466 20.69 -7.40 -5.30
C GLU A 466 20.89 -5.97 -5.79
N PRO A 467 20.58 -4.97 -4.95
CA PRO A 467 20.75 -3.58 -5.38
C PRO A 467 22.20 -3.26 -5.79
N ARG A 468 22.37 -2.51 -6.88
CA ARG A 468 23.69 -2.07 -7.30
C ARG A 468 24.32 -1.20 -6.22
N GLU A 469 25.65 -1.14 -6.22
CA GLU A 469 26.37 -0.31 -5.26
C GLU A 469 26.16 1.17 -5.58
N ARG A 470 26.12 1.98 -4.52
CA ARG A 470 26.00 3.43 -4.66
C ARG A 470 27.07 4.12 -3.83
N MET A 471 27.94 4.87 -4.50
CA MET A 471 28.98 5.60 -3.80
C MET A 471 28.44 6.96 -3.37
N GLU A 472 27.53 6.94 -2.39
CA GLU A 472 26.90 8.15 -1.90
C GLU A 472 26.88 8.12 -0.38
N PRO A 473 27.33 9.21 0.27
CA PRO A 473 27.30 9.25 1.74
C PRO A 473 25.91 9.08 2.33
N THR A 474 25.84 8.36 3.45
CA THR A 474 24.59 8.17 4.18
C THR A 474 24.91 8.02 5.66
N TYR A 475 23.86 7.96 6.49
CA TYR A 475 24.05 7.63 7.90
C TYR A 475 24.46 6.17 7.99
N GLN A 476 25.31 5.86 8.95
CA GLN A 476 25.86 4.52 9.10
C GLN A 476 24.78 3.43 9.26
N LEU A 477 23.59 3.81 9.71
CA LEU A 477 22.54 2.83 9.98
C LEU A 477 21.43 2.81 8.91
N SER A 478 21.69 3.44 7.76
CA SER A 478 20.74 3.43 6.66
C SER A 478 21.47 3.40 5.33
N ARG A 479 22.25 2.35 5.11
CA ARG A 479 23.06 2.21 3.91
C ARG A 479 22.31 1.43 2.83
N TRP A 480 21.24 0.75 3.22
CA TRP A 480 20.49 -0.09 2.29
C TRP A 480 19.49 0.69 1.45
N THR A 481 19.48 0.40 0.15
CA THR A 481 18.52 0.97 -0.77
C THR A 481 17.65 -0.16 -1.34
N PRO A 482 16.32 0.04 -1.36
CA PRO A 482 15.44 -1.00 -1.92
C PRO A 482 15.79 -1.33 -3.36
N VAL A 483 15.68 -2.61 -3.73
CA VAL A 483 15.94 -3.04 -5.08
C VAL A 483 15.12 -2.22 -6.06
N ILE A 484 13.86 -2.01 -5.72
CA ILE A 484 12.91 -1.41 -6.65
C ILE A 484 13.32 0.00 -7.07
N LYS A 485 14.16 0.66 -6.28
CA LYS A 485 14.61 2.00 -6.63
C LYS A 485 15.52 1.95 -7.85
N ASP A 486 16.40 0.95 -7.90
CA ASP A 486 17.26 0.74 -9.06
C ASP A 486 16.38 0.54 -10.30
N VAL A 487 15.35 -0.28 -10.13
CA VAL A 487 14.45 -0.63 -11.23
C VAL A 487 13.72 0.62 -11.73
N MET A 488 13.33 1.49 -10.81
CA MET A 488 12.59 2.70 -11.16
C MET A 488 13.47 3.68 -11.93
N GLU A 489 14.68 3.89 -11.44
CA GLU A 489 15.62 4.81 -12.07
C GLU A 489 15.94 4.34 -13.49
N ASP A 490 16.07 3.03 -13.65
CA ASP A 490 16.37 2.46 -14.95
C ASP A 490 15.19 2.60 -15.91
N ALA A 491 13.98 2.38 -15.40
CA ALA A 491 12.78 2.51 -16.24
C ALA A 491 12.65 3.95 -16.72
N VAL A 492 13.01 4.89 -15.86
CA VAL A 492 12.90 6.31 -16.17
C VAL A 492 13.91 6.75 -17.21
N GLU A 493 15.11 6.18 -17.15
CA GLU A 493 16.19 6.54 -18.06
C GLU A 493 16.26 5.60 -19.25
N ASP A 494 15.27 4.71 -19.36
CA ASP A 494 15.15 3.83 -20.53
C ASP A 494 16.32 2.85 -20.61
N ARG A 495 16.86 2.44 -19.47
CA ARG A 495 17.99 1.51 -19.44
C ARG A 495 17.71 0.25 -18.61
N LEU A 496 16.43 -0.12 -18.48
CA LEU A 496 16.07 -1.31 -17.73
C LEU A 496 16.19 -2.57 -18.60
N ASP A 497 17.04 -3.49 -18.16
CA ASP A 497 17.38 -4.68 -18.93
C ASP A 497 16.12 -5.46 -19.35
N ARG A 498 15.96 -5.68 -20.65
CA ARG A 498 14.82 -6.43 -21.16
C ARG A 498 14.95 -7.92 -20.91
N ASN A 499 16.16 -8.41 -20.74
CA ASN A 499 16.37 -9.81 -20.38
C ASN A 499 15.68 -10.14 -19.06
N LEU A 500 15.78 -9.22 -18.09
CA LEU A 500 15.17 -9.41 -16.79
C LEU A 500 13.75 -8.84 -16.74
N TRP A 501 13.51 -7.80 -17.52
CA TRP A 501 12.22 -7.11 -17.49
C TRP A 501 11.58 -7.03 -18.88
N PRO A 502 11.23 -8.19 -19.46
CA PRO A 502 10.64 -8.20 -20.80
C PRO A 502 9.32 -7.45 -20.88
N PHE A 503 8.95 -7.03 -22.09
CA PHE A 503 7.66 -6.42 -22.34
C PHE A 503 6.67 -7.51 -22.68
N VAL A 504 5.38 -7.27 -22.46
CA VAL A 504 4.37 -8.22 -22.92
C VAL A 504 4.08 -7.91 -24.38
N SER A 505 4.04 -6.62 -24.69
CA SER A 505 3.92 -6.16 -26.06
C SER A 505 4.90 -5.01 -26.28
N ASP A 506 5.66 -5.08 -27.37
CA ASP A 506 6.54 -3.99 -27.75
C ASP A 506 5.69 -2.81 -28.20
N PRO A 507 5.98 -1.62 -27.68
CA PRO A 507 5.26 -0.42 -28.13
C PRO A 507 5.27 -0.28 -29.65
N ALA A 508 4.10 -0.04 -30.23
CA ALA A 508 3.98 0.14 -31.67
C ALA A 508 4.92 1.23 -32.15
N PRO A 509 5.58 1.02 -33.30
CA PRO A 509 6.41 2.04 -33.95
C PRO A 509 5.61 3.27 -34.35
N THR A 510 6.12 4.45 -34.00
CA THR A 510 5.45 5.71 -34.35
C THR A 510 5.56 5.98 -35.85
N ARG A 534 -2.97 15.05 -16.23
CA ARG A 534 -1.52 15.06 -16.46
C ARG A 534 -1.18 14.73 -17.90
N ALA A 535 -0.12 15.33 -18.41
CA ALA A 535 0.36 15.06 -19.77
C ALA A 535 1.62 14.20 -19.78
N GLY A 536 2.43 14.32 -18.74
CA GLY A 536 3.69 13.58 -18.65
C GLY A 536 3.50 12.07 -18.50
N PRO A 537 4.58 11.31 -18.73
CA PRO A 537 4.58 9.85 -18.60
C PRO A 537 4.48 9.39 -17.15
N ARG A 538 3.91 8.21 -16.94
CA ARG A 538 3.84 7.60 -15.62
C ARG A 538 4.60 6.28 -15.58
N LEU A 539 5.23 6.01 -14.44
CA LEU A 539 5.79 4.68 -14.19
C LEU A 539 5.00 4.03 -13.06
N ILE A 540 4.19 3.02 -13.40
CA ILE A 540 3.36 2.34 -12.42
C ILE A 540 4.00 1.03 -11.98
N VAL A 541 4.17 0.87 -10.67
CA VAL A 541 4.84 -0.31 -10.14
C VAL A 541 3.90 -1.10 -9.24
N TYR A 542 3.83 -2.42 -9.46
CA TYR A 542 3.01 -3.28 -8.64
C TYR A 542 3.86 -4.39 -8.04
N VAL A 543 4.03 -4.36 -6.73
CA VAL A 543 4.72 -5.41 -6.02
C VAL A 543 3.70 -6.43 -5.53
N MET A 544 3.85 -7.69 -5.94
CA MET A 544 2.96 -8.74 -5.47
C MET A 544 3.38 -9.08 -4.03
N GLY A 545 2.41 -9.37 -3.18
CA GLY A 545 2.70 -9.82 -1.84
C GLY A 545 3.15 -8.73 -0.89
N GLY A 546 2.54 -7.56 -1.00
CA GLY A 546 2.80 -6.46 -0.09
C GLY A 546 3.96 -5.56 -0.50
N VAL A 547 3.83 -4.27 -0.19
CA VAL A 547 4.86 -3.28 -0.49
C VAL A 547 5.36 -2.62 0.80
N ALA A 548 6.67 -2.58 0.96
CA ALA A 548 7.29 -2.01 2.16
C ALA A 548 7.26 -0.49 2.09
N MET A 549 7.46 0.15 3.23
CA MET A 549 7.39 1.61 3.29
C MET A 549 8.66 2.27 2.77
N SER A 550 9.72 1.50 2.59
CA SER A 550 10.94 2.04 1.99
C SER A 550 10.76 2.10 0.48
N GLU A 551 10.01 1.15 -0.05
CA GLU A 551 9.71 1.10 -1.47
C GLU A 551 8.70 2.18 -1.81
N MET A 552 7.78 2.44 -0.90
CA MET A 552 6.85 3.55 -1.05
C MET A 552 7.65 4.84 -1.10
N ARG A 553 8.64 4.96 -0.23
CA ARG A 553 9.51 6.14 -0.21
C ARG A 553 10.28 6.26 -1.52
N ALA A 554 10.77 5.13 -2.03
CA ALA A 554 11.59 5.12 -3.23
C ALA A 554 10.86 5.78 -4.39
N ALA A 555 9.54 5.61 -4.43
CA ALA A 555 8.73 6.22 -5.47
C ALA A 555 8.85 7.74 -5.42
N TYR A 556 8.84 8.30 -4.22
CA TYR A 556 8.91 9.76 -4.04
C TYR A 556 10.31 10.30 -4.28
N GLU A 557 11.33 9.47 -4.04
CA GLU A 557 12.70 9.91 -4.24
C GLU A 557 13.04 10.00 -5.72
N VAL A 558 12.52 9.05 -6.49
CA VAL A 558 12.78 9.02 -7.93
C VAL A 558 11.92 10.04 -8.65
N THR A 559 10.67 10.21 -8.22
CA THR A 559 9.79 11.17 -8.86
C THR A 559 10.35 12.59 -8.72
N ARG A 560 10.92 12.87 -7.56
CA ARG A 560 11.46 14.20 -7.29
C ARG A 560 12.79 14.40 -7.98
N ALA A 561 13.51 13.31 -8.22
CA ALA A 561 14.81 13.38 -8.88
C ALA A 561 14.69 13.75 -10.35
N THR A 562 13.57 13.39 -10.98
CA THR A 562 13.36 13.73 -12.39
C THR A 562 12.70 15.10 -12.56
N GLU A 563 12.28 15.69 -11.44
CA GLU A 563 11.83 17.08 -11.41
C GLU A 563 10.47 17.29 -12.06
N GLY A 564 9.70 16.21 -12.20
CA GLY A 564 8.35 16.32 -12.74
C GLY A 564 8.18 15.67 -14.10
N LYS A 565 9.28 15.24 -14.71
CA LYS A 565 9.21 14.54 -15.99
C LYS A 565 8.36 13.29 -15.83
N TRP A 566 8.62 12.54 -14.77
CA TRP A 566 7.90 11.30 -14.51
C TRP A 566 7.17 11.37 -13.17
N GLU A 567 5.96 10.82 -13.13
CA GLU A 567 5.28 10.56 -11.87
C GLU A 567 5.36 9.06 -11.59
N VAL A 568 6.06 8.69 -10.51
CA VAL A 568 6.26 7.28 -10.20
C VAL A 568 5.23 6.84 -9.17
N LEU A 569 4.31 5.97 -9.58
CA LEU A 569 3.34 5.40 -8.67
C LEU A 569 3.75 3.98 -8.32
N ILE A 570 3.54 3.59 -7.06
CA ILE A 570 3.77 2.22 -6.64
C ILE A 570 2.63 1.78 -5.74
N GLY A 571 2.32 0.48 -5.77
CA GLY A 571 1.27 -0.04 -4.93
C GLY A 571 1.32 -1.54 -4.83
N SER A 572 0.27 -2.12 -4.26
CA SER A 572 0.21 -3.56 -4.04
C SER A 572 -1.15 -4.00 -3.52
N SER A 573 -1.24 -5.25 -3.10
CA SER A 573 -2.47 -5.76 -2.53
C SER A 573 -2.71 -5.16 -1.14
N HIS A 574 -1.63 -4.83 -0.45
CA HIS A 574 -1.71 -4.20 0.87
C HIS A 574 -0.37 -3.58 1.22
N ILE A 575 -0.34 -2.80 2.30
CA ILE A 575 0.89 -2.14 2.72
C ILE A 575 1.54 -2.90 3.89
N LEU A 576 2.86 -2.95 3.87
CA LEU A 576 3.59 -3.79 4.82
C LEU A 576 4.38 -3.01 5.86
N THR A 577 4.34 -3.49 7.08
CA THR A 577 5.36 -3.21 8.08
C THR A 577 6.14 -4.51 8.23
N PRO A 578 7.35 -4.45 8.79
CA PRO A 578 8.06 -5.72 8.97
C PRO A 578 7.24 -6.74 9.74
N THR A 579 6.45 -6.30 10.72
CA THR A 579 5.67 -7.21 11.54
C THR A 579 4.53 -7.87 10.74
N ARG A 580 3.81 -7.08 9.97
CA ARG A 580 2.70 -7.61 9.17
C ARG A 580 3.21 -8.56 8.11
N PHE A 581 4.45 -8.38 7.70
CA PHE A 581 5.05 -9.25 6.71
C PHE A 581 5.30 -10.64 7.31
N LEU A 582 5.81 -10.67 8.53
CA LEU A 582 6.06 -11.94 9.22
C LEU A 582 4.75 -12.65 9.50
N ASP A 583 3.69 -11.89 9.77
CA ASP A 583 2.39 -12.49 10.03
C ASP A 583 1.84 -13.13 8.76
N ASP A 584 2.09 -12.50 7.63
CA ASP A 584 1.66 -13.07 6.35
C ASP A 584 2.38 -14.38 6.09
N LEU A 585 3.67 -14.43 6.39
CA LEU A 585 4.47 -15.65 6.21
C LEU A 585 3.96 -16.78 7.12
N LYS A 586 3.62 -16.44 8.35
CA LYS A 586 3.17 -17.42 9.33
C LYS A 586 1.96 -18.20 8.84
N ALA A 587 1.11 -17.54 8.08
CA ALA A 587 -0.17 -18.13 7.66
C ALA A 587 -0.05 -19.15 6.53
N LEU A 588 1.02 -19.06 5.74
CA LEU A 588 1.07 -19.78 4.46
C LEU A 588 1.04 -21.30 4.55
N ASP A 589 1.26 -21.88 5.73
CA ASP A 589 1.15 -23.32 5.86
C ASP A 589 0.07 -23.69 6.87
N LYS A 590 -0.99 -22.87 6.91
CA LYS A 590 -2.12 -23.13 7.78
C LYS A 590 -3.40 -23.13 6.95
N LYS A 591 -4.37 -23.92 7.36
CA LYS A 591 -5.70 -23.85 6.77
C LYS A 591 -6.55 -22.91 7.61
N LEU A 592 -6.97 -21.81 7.01
CA LEU A 592 -7.66 -20.74 7.72
C LEU A 592 -8.89 -20.35 6.92
N GLU A 593 -10.04 -20.86 7.33
CA GLU A 593 -11.27 -20.63 6.60
C GLU A 593 -11.79 -19.20 6.80
N ASP A 594 -11.17 -18.48 7.73
CA ASP A 594 -11.54 -17.09 8.00
C ASP A 594 -11.08 -16.14 6.90
N ILE A 595 -9.95 -16.45 6.27
CA ILE A 595 -9.39 -15.58 5.23
C ILE A 595 -10.28 -15.58 3.98
N ALA A 596 -10.53 -14.39 3.44
CA ALA A 596 -11.49 -14.22 2.36
C ALA A 596 -11.04 -14.89 1.06
N LEU A 597 -12.01 -15.37 0.30
CA LEU A 597 -11.74 -15.90 -1.04
C LEU A 597 -11.44 -14.73 -1.96
N PRO A 598 -10.86 -14.99 -3.14
CA PRO A 598 -10.57 -13.88 -4.05
C PRO A 598 -11.81 -13.15 -4.52
#